data_2LKR
#
_entry.id   2LKR
#
_entity_poly.entity_id   1
_entity_poly.type   'polyribonucleotide'
_entity_poly.pdbx_seq_one_letter_code
;GGCAAUACAGAGAUGAUCAGCAGUUCCCCUGCAUAAGGAUGAACCGUUUUACAAAGAGAUUUCUUCGGGAAUCUCUUUGC
CUUUUGGCUUAGAUCAAGUGUAGUAUCUGUC
;
_entity_poly.pdbx_strand_id   A
#